data_3DKC
#
_entry.id   3DKC
#
_cell.length_a   43.027
_cell.length_b   45.083
_cell.length_c   167.264
_cell.angle_alpha   90.000
_cell.angle_beta   90.000
_cell.angle_gamma   90.000
#
_symmetry.space_group_name_H-M   'P 21 21 21'
#
loop_
_entity.id
_entity.type
_entity.pdbx_description
1 polymer 'Hepatocyte growth factor receptor'
2 non-polymer 'MAGNESIUM ION'
3 non-polymer 'CHLORIDE ION'
4 non-polymer "ADENOSINE-5'-TRIPHOSPHATE"
5 water water
#
_entity_poly.entity_id   1
_entity_poly.type   'polypeptide(L)'
_entity_poly.pdbx_seq_one_letter_code
;GSLNTVHIDLSALNPELVQAVQHVVIGPSSLIVHFNEVIGRGHFGCVYHGTLLDNDGKKIHCAVKSLNRITDIGEVSQFL
TEGIIMKDFSHPNVLSLLGICLRSEGSPLVVLPYMKHGDLRNFIRNETHNPTVKDLIGFGLQVAKGMKFLASKKFVHRDL
AARNCMLDEKFTVKVADFGLARDMYDKEFDSVHNKTGAKLPVKWMALESLQTQKFTTKSDVWSFGVLLWELMTRGAPPYP
DVNTFDITVYLLQGRRLLQPEYCPDPLYEVMLKCWHPKAEMRPSFSELVSRISAIFSTFIGEHYVHVNATYVNVKEG
;
_entity_poly.pdbx_strand_id   A
#
loop_
_chem_comp.id
_chem_comp.type
_chem_comp.name
_chem_comp.formula
ATP non-polymer ADENOSINE-5'-TRIPHOSPHATE 'C10 H16 N5 O13 P3'
CL non-polymer 'CHLORIDE ION' 'Cl -1'
MG non-polymer 'MAGNESIUM ION' 'Mg 2'
#
# COMPACT_ATOMS: atom_id res chain seq x y z
N VAL A 6 7.54 -24.76 3.31
CA VAL A 6 8.73 -23.86 3.10
C VAL A 6 9.82 -24.14 4.14
N HIS A 7 10.98 -24.57 3.68
CA HIS A 7 12.13 -24.73 4.54
C HIS A 7 13.21 -23.72 4.16
N ILE A 8 13.70 -22.99 5.15
CA ILE A 8 14.73 -22.01 4.93
C ILE A 8 15.94 -22.36 5.79
N ASP A 9 17.06 -22.63 5.14
CA ASP A 9 18.27 -22.99 5.85
C ASP A 9 18.98 -21.72 6.29
N LEU A 10 18.81 -21.36 7.56
CA LEU A 10 19.32 -20.09 8.08
C LEU A 10 20.84 -20.03 8.14
N SER A 11 21.47 -21.21 8.19
CA SER A 11 22.92 -21.32 8.19
C SER A 11 23.51 -20.98 6.81
N ALA A 12 22.63 -20.88 5.80
CA ALA A 12 22.99 -20.49 4.43
C ALA A 12 22.87 -18.98 4.18
N LEU A 13 22.58 -18.24 5.24
CA LEU A 13 22.58 -16.78 5.16
C LEU A 13 23.97 -16.25 5.45
N ASN A 14 24.36 -15.20 4.74
CA ASN A 14 25.61 -14.47 4.96
C ASN A 14 25.72 -14.06 6.44
N PRO A 15 26.82 -14.46 7.12
CA PRO A 15 26.99 -14.20 8.56
C PRO A 15 26.88 -12.72 8.93
N GLU A 16 27.45 -11.85 8.09
CA GLU A 16 27.43 -10.40 8.31
C GLU A 16 26.01 -9.86 8.24
N LEU A 17 25.20 -10.45 7.35
CA LEU A 17 23.79 -10.09 7.24
C LEU A 17 23.04 -10.51 8.50
N VAL A 18 23.27 -11.75 8.93
CA VAL A 18 22.62 -12.29 10.13
C VAL A 18 22.90 -11.37 11.32
N GLN A 19 24.15 -10.93 11.45
CA GLN A 19 24.54 -10.02 12.51
C GLN A 19 23.85 -8.65 12.36
N ALA A 20 23.81 -8.15 11.12
CA ALA A 20 23.28 -6.82 10.82
C ALA A 20 21.78 -6.69 11.07
N VAL A 21 21.06 -7.80 10.94
CA VAL A 21 19.62 -7.78 11.09
C VAL A 21 19.16 -8.20 12.49
N GLN A 22 20.11 -8.56 13.36
CA GLN A 22 19.78 -8.99 14.72
C GLN A 22 18.85 -8.05 15.48
N HIS A 23 19.06 -6.76 15.32
CA HIS A 23 18.26 -5.75 16.02
C HIS A 23 16.83 -5.62 15.48
N VAL A 24 16.59 -6.19 14.30
CA VAL A 24 15.24 -6.19 13.69
C VAL A 24 14.47 -7.47 14.04
N VAL A 25 15.21 -8.55 14.33
CA VAL A 25 14.58 -9.84 14.56
C VAL A 25 13.91 -9.92 15.92
N ILE A 26 12.66 -10.39 15.89
CA ILE A 26 11.88 -10.67 17.09
C ILE A 26 11.78 -12.18 17.29
N GLY A 27 12.24 -12.65 18.45
CA GLY A 27 12.19 -14.07 18.80
C GLY A 27 10.84 -14.56 19.32
N PRO A 28 10.62 -15.88 19.33
CA PRO A 28 9.36 -16.50 19.76
C PRO A 28 9.00 -16.23 21.23
N SER A 29 10.01 -16.01 22.07
CA SER A 29 9.78 -15.66 23.47
C SER A 29 9.35 -14.21 23.65
N SER A 30 9.39 -13.44 22.57
CA SER A 30 8.93 -12.05 22.58
C SER A 30 7.59 -11.89 21.85
N LEU A 31 7.20 -12.92 21.08
CA LEU A 31 6.02 -12.81 20.23
C LEU A 31 5.19 -14.09 20.20
N ILE A 32 3.88 -13.93 20.45
CA ILE A 32 2.90 -14.98 20.17
C ILE A 32 2.06 -14.56 18.97
N VAL A 33 2.02 -15.40 17.95
CA VAL A 33 1.17 -15.16 16.78
C VAL A 33 -0.10 -15.98 16.93
N HIS A 34 -1.24 -15.30 17.03
CA HIS A 34 -2.52 -15.98 17.19
C HIS A 34 -3.05 -16.46 15.85
N PHE A 35 -2.54 -17.61 15.39
CA PHE A 35 -2.84 -18.14 14.06
C PHE A 35 -4.32 -18.49 13.85
N ASN A 36 -5.05 -18.64 14.95
CA ASN A 36 -6.48 -18.88 14.92
C ASN A 36 -7.30 -17.58 14.88
N GLU A 37 -6.59 -16.45 14.92
CA GLU A 37 -7.20 -15.10 14.86
C GLU A 37 -6.79 -14.37 13.59
N VAL A 38 -7.33 -14.83 12.47
CA VAL A 38 -6.98 -14.32 11.15
C VAL A 38 -7.65 -12.96 10.97
N ILE A 39 -6.86 -11.98 10.57
CA ILE A 39 -7.43 -10.68 10.21
C ILE A 39 -7.89 -10.73 8.74
N GLY A 40 -7.03 -11.22 7.86
CA GLY A 40 -7.39 -11.45 6.46
C GLY A 40 -6.22 -11.86 5.60
N ARG A 41 -6.50 -12.13 4.33
CA ARG A 41 -5.46 -12.53 3.38
C ARG A 41 -5.54 -11.59 2.19
N GLY A 42 -4.38 -11.21 1.67
CA GLY A 42 -4.35 -10.38 0.49
C GLY A 42 -3.55 -11.02 -0.61
N HIS A 43 -2.86 -10.18 -1.38
CA HIS A 43 -2.17 -10.60 -2.58
C HIS A 43 -0.99 -11.51 -2.33
N PHE A 44 -0.33 -11.32 -1.19
CA PHE A 44 0.98 -11.93 -0.97
C PHE A 44 1.27 -12.33 0.46
N GLY A 45 0.20 -12.45 1.26
CA GLY A 45 0.38 -12.84 2.65
C GLY A 45 -0.90 -12.92 3.45
N CYS A 46 -0.74 -13.38 4.68
CA CYS A 46 -1.86 -13.54 5.60
C CYS A 46 -1.52 -12.80 6.87
N VAL A 47 -2.52 -12.09 7.41
CA VAL A 47 -2.34 -11.26 8.57
C VAL A 47 -3.11 -11.82 9.76
N TYR A 48 -2.40 -11.92 10.90
CA TYR A 48 -2.96 -12.47 12.13
C TYR A 48 -2.81 -11.48 13.26
N HIS A 49 -3.68 -11.60 14.27
CA HIS A 49 -3.46 -10.90 15.53
C HIS A 49 -2.21 -11.46 16.22
N GLY A 50 -1.51 -10.60 16.94
CA GLY A 50 -0.34 -11.04 17.72
C GLY A 50 -0.18 -10.30 19.03
N THR A 51 0.65 -10.87 19.92
CA THR A 51 0.99 -10.24 21.18
C THR A 51 2.52 -10.17 21.28
N LEU A 52 3.03 -8.95 21.38
CA LEU A 52 4.47 -8.70 21.48
C LEU A 52 4.81 -8.18 22.87
N LEU A 53 5.95 -8.62 23.41
CA LEU A 53 6.46 -8.02 24.66
C LEU A 53 7.49 -6.95 24.38
N ASP A 54 7.30 -5.79 25.02
CA ASP A 54 8.25 -4.68 24.96
C ASP A 54 9.47 -4.93 25.85
N ASN A 55 10.42 -3.98 25.86
CA ASN A 55 11.63 -4.09 26.68
C ASN A 55 11.34 -4.26 28.18
N ASP A 56 10.33 -3.53 28.66
CA ASP A 56 9.89 -3.62 30.06
C ASP A 56 8.96 -4.83 30.29
N GLY A 57 8.71 -5.59 29.23
CA GLY A 57 7.83 -6.75 29.31
C GLY A 57 6.35 -6.38 29.21
N LYS A 58 6.07 -5.17 28.76
CA LYS A 58 4.70 -4.72 28.55
C LYS A 58 4.09 -5.40 27.33
N LYS A 59 2.82 -5.79 27.47
CA LYS A 59 2.09 -6.53 26.45
C LYS A 59 1.58 -5.59 25.35
N ILE A 60 1.98 -5.86 24.10
CA ILE A 60 1.62 -5.01 22.97
C ILE A 60 0.81 -5.77 21.93
N HIS A 61 -0.35 -5.24 21.60
CA HIS A 61 -1.19 -5.80 20.53
C HIS A 61 -0.59 -5.44 19.18
N CYS A 62 -0.32 -6.45 18.36
CA CYS A 62 0.25 -6.23 17.03
C CYS A 62 -0.52 -7.00 15.96
N ALA A 63 -0.17 -6.74 14.70
CA ALA A 63 -0.59 -7.54 13.56
C ALA A 63 0.67 -8.21 13.01
N VAL A 64 0.54 -9.47 12.62
CA VAL A 64 1.69 -10.23 12.15
C VAL A 64 1.33 -10.74 10.76
N LYS A 65 2.15 -10.37 9.77
CA LYS A 65 1.89 -10.79 8.40
C LYS A 65 2.95 -11.78 7.88
N SER A 66 2.48 -12.92 7.42
CA SER A 66 3.33 -13.90 6.75
C SER A 66 3.51 -13.47 5.30
N LEU A 67 4.75 -13.46 4.83
CA LEU A 67 5.09 -13.06 3.47
C LEU A 67 5.28 -14.32 2.62
N ASN A 68 4.16 -14.88 2.19
CA ASN A 68 4.10 -16.26 1.69
C ASN A 68 4.79 -16.54 0.38
N ARG A 69 5.15 -15.48 -0.33
CA ARG A 69 5.84 -15.64 -1.62
C ARG A 69 7.36 -15.50 -1.49
N ILE A 70 7.82 -15.34 -0.25
CA ILE A 70 9.25 -15.37 0.06
C ILE A 70 9.51 -16.80 0.55
N THR A 71 10.15 -17.60 -0.29
CA THR A 71 10.22 -19.05 -0.08
C THR A 71 11.64 -19.62 -0.18
N ASP A 72 12.57 -18.82 -0.66
CA ASP A 72 13.91 -19.27 -0.99
C ASP A 72 14.94 -18.39 -0.27
N ILE A 73 16.07 -19.02 0.12
CA ILE A 73 17.18 -18.33 0.79
C ILE A 73 17.51 -16.96 0.22
N GLY A 74 17.62 -16.88 -1.11
CA GLY A 74 17.95 -15.63 -1.80
C GLY A 74 16.93 -14.54 -1.55
N GLU A 75 15.66 -14.91 -1.56
CA GLU A 75 14.56 -14.00 -1.29
C GLU A 75 14.54 -13.55 0.18
N VAL A 76 14.77 -14.50 1.08
CA VAL A 76 14.88 -14.17 2.50
C VAL A 76 16.02 -13.19 2.73
N SER A 77 17.18 -13.52 2.16
CA SER A 77 18.37 -12.64 2.26
C SER A 77 18.07 -11.19 1.84
N GLN A 78 17.49 -11.01 0.65
CA GLN A 78 17.14 -9.67 0.17
C GLN A 78 16.11 -8.98 1.10
N PHE A 79 15.12 -9.75 1.53
CA PHE A 79 14.11 -9.24 2.45
C PHE A 79 14.73 -8.70 3.74
N LEU A 80 15.75 -9.41 4.25
CA LEU A 80 16.42 -8.97 5.47
C LEU A 80 17.11 -7.63 5.29
N THR A 81 17.76 -7.45 4.13
CA THR A 81 18.37 -6.18 3.83
C THR A 81 17.33 -5.06 3.84
N GLU A 82 16.16 -5.33 3.27
CA GLU A 82 15.09 -4.34 3.24
C GLU A 82 14.51 -4.12 4.62
N GLY A 83 14.41 -5.18 5.40
CA GLY A 83 13.96 -5.07 6.80
C GLY A 83 14.83 -4.12 7.62
N ILE A 84 16.16 -4.21 7.45
CA ILE A 84 17.07 -3.29 8.16
C ILE A 84 16.74 -1.82 7.82
N ILE A 85 16.55 -1.55 6.52
CA ILE A 85 16.20 -0.22 6.02
C ILE A 85 14.84 0.24 6.59
N MET A 86 13.84 -0.62 6.47
CA MET A 86 12.48 -0.29 6.93
C MET A 86 12.35 -0.08 8.44
N LYS A 87 13.09 -0.85 9.23
CA LYS A 87 13.09 -0.67 10.67
C LYS A 87 13.45 0.77 11.07
N ASP A 88 14.36 1.39 10.30
CA ASP A 88 14.86 2.74 10.60
C ASP A 88 13.92 3.87 10.14
N PHE A 89 12.84 3.52 9.43
CA PHE A 89 11.87 4.53 8.99
C PHE A 89 11.01 4.98 10.15
N SER A 90 10.84 6.28 10.27
CA SER A 90 9.91 6.87 11.23
C SER A 90 9.28 8.12 10.63
N HIS A 91 7.98 8.02 10.40
CA HIS A 91 7.21 9.13 9.86
C HIS A 91 5.76 8.93 10.25
N PRO A 92 5.02 10.01 10.60
CA PRO A 92 3.66 9.84 11.11
C PRO A 92 2.69 9.21 10.12
N ASN A 93 3.01 9.27 8.83
CA ASN A 93 2.11 8.72 7.82
C ASN A 93 2.67 7.46 7.15
N VAL A 94 3.59 6.82 7.84
CA VAL A 94 4.15 5.57 7.36
C VAL A 94 4.03 4.55 8.48
N LEU A 95 3.47 3.38 8.17
CA LEU A 95 3.31 2.33 9.17
C LEU A 95 4.69 1.83 9.62
N SER A 96 4.90 1.78 10.94
CA SER A 96 6.14 1.27 11.54
C SER A 96 6.34 -0.20 11.24
N LEU A 97 7.61 -0.60 11.12
CA LEU A 97 7.97 -2.02 11.16
C LEU A 97 8.53 -2.28 12.54
N LEU A 98 7.79 -3.06 13.33
CA LEU A 98 8.22 -3.33 14.70
C LEU A 98 9.35 -4.34 14.69
N GLY A 99 9.28 -5.29 13.76
CA GLY A 99 10.36 -6.24 13.56
C GLY A 99 10.00 -7.35 12.60
N ILE A 100 10.89 -8.34 12.50
CA ILE A 100 10.65 -9.46 11.62
C ILE A 100 10.85 -10.76 12.38
N CYS A 101 10.07 -11.78 12.00
CA CYS A 101 10.34 -13.15 12.45
C CYS A 101 11.04 -13.91 11.33
N LEU A 102 12.27 -14.33 11.62
CA LEU A 102 13.06 -15.11 10.67
C LEU A 102 12.91 -16.57 11.05
N ARG A 103 12.13 -17.29 10.24
CA ARG A 103 11.77 -18.67 10.52
C ARG A 103 12.59 -19.65 9.69
N SER A 104 12.88 -20.82 10.26
CA SER A 104 13.50 -21.91 9.50
C SER A 104 12.46 -22.77 8.77
N GLU A 105 11.21 -22.78 9.24
CA GLU A 105 10.22 -23.67 8.64
C GLU A 105 8.97 -22.97 8.06
N GLY A 106 9.08 -21.67 7.81
CA GLY A 106 8.00 -20.93 7.18
C GLY A 106 8.56 -19.71 6.48
N SER A 107 7.73 -19.08 5.66
CA SER A 107 8.05 -17.76 5.12
C SER A 107 8.25 -16.77 6.27
N PRO A 108 9.10 -15.75 6.08
CA PRO A 108 9.33 -14.80 7.18
C PRO A 108 8.06 -13.99 7.47
N LEU A 109 7.99 -13.46 8.69
CA LEU A 109 6.86 -12.61 9.11
C LEU A 109 7.34 -11.19 9.35
N VAL A 110 6.44 -10.22 9.11
CA VAL A 110 6.66 -8.86 9.56
C VAL A 110 5.72 -8.60 10.72
N VAL A 111 6.21 -7.87 11.72
CA VAL A 111 5.43 -7.54 12.89
C VAL A 111 5.14 -6.04 12.80
N LEU A 112 3.85 -5.71 12.83
CA LEU A 112 3.35 -4.37 12.60
C LEU A 112 2.53 -3.89 13.80
N PRO A 113 2.46 -2.57 14.02
CA PRO A 113 1.51 -2.07 15.01
C PRO A 113 0.11 -2.41 14.55
N TYR A 114 -0.76 -2.80 15.49
CA TYR A 114 -2.14 -3.09 15.17
C TYR A 114 -2.85 -1.76 14.90
N MET A 115 -3.55 -1.72 13.77
CA MET A 115 -4.23 -0.50 13.33
C MET A 115 -5.70 -0.59 13.68
N LYS A 116 -6.08 0.16 14.71
CA LYS A 116 -7.42 0.10 15.28
C LYS A 116 -8.56 0.26 14.29
N HIS A 117 -8.41 1.19 13.34
CA HIS A 117 -9.51 1.52 12.45
C HIS A 117 -9.40 0.93 11.05
N GLY A 118 -8.46 -0.01 10.88
CA GLY A 118 -8.40 -0.80 9.66
C GLY A 118 -7.98 0.02 8.48
N ASP A 119 -8.39 -0.41 7.29
CA ASP A 119 -7.92 0.24 6.08
C ASP A 119 -8.80 1.39 5.62
N LEU A 120 -8.15 2.32 4.94
CA LEU A 120 -8.80 3.51 4.41
C LEU A 120 -9.96 3.22 3.44
N ARG A 121 -9.84 2.18 2.60
CA ARG A 121 -10.92 1.88 1.66
C ARG A 121 -12.21 1.52 2.38
N ASN A 122 -12.14 0.58 3.33
CA ASN A 122 -13.33 0.26 4.11
C ASN A 122 -13.84 1.44 4.96
N PHE A 123 -12.92 2.28 5.42
CA PHE A 123 -13.30 3.41 6.28
C PHE A 123 -14.17 4.41 5.54
N ILE A 124 -13.86 4.61 4.27
CA ILE A 124 -14.66 5.53 3.47
C ILE A 124 -15.87 4.87 2.84
N ARG A 125 -15.79 3.55 2.61
CA ARG A 125 -16.91 2.82 1.98
C ARG A 125 -18.09 2.65 2.95
N ASN A 126 -17.78 2.57 4.23
CA ASN A 126 -18.79 2.31 5.23
C ASN A 126 -19.95 3.31 5.16
N GLU A 127 -21.16 2.80 4.89
CA GLU A 127 -22.35 3.66 4.66
C GLU A 127 -22.76 4.46 5.88
N THR A 128 -22.37 4.00 7.07
CA THR A 128 -22.67 4.75 8.29
C THR A 128 -21.67 5.87 8.56
N HIS A 129 -20.64 5.97 7.73
CA HIS A 129 -19.73 7.12 7.82
C HIS A 129 -20.16 8.19 6.82
N ASN A 130 -19.88 9.45 7.14
CA ASN A 130 -20.36 10.56 6.33
C ASN A 130 -19.23 11.57 6.02
N PRO A 131 -18.27 11.14 5.20
CA PRO A 131 -17.15 12.06 4.87
C PRO A 131 -17.55 13.22 3.97
N THR A 132 -16.87 14.34 4.16
CA THR A 132 -17.02 15.50 3.29
C THR A 132 -15.87 15.48 2.28
N VAL A 133 -15.94 16.34 1.27
CA VAL A 133 -14.80 16.52 0.36
C VAL A 133 -13.50 16.83 1.13
N LYS A 134 -13.58 17.75 2.10
CA LYS A 134 -12.43 18.06 2.95
C LYS A 134 -11.85 16.82 3.59
N ASP A 135 -12.72 15.97 4.17
CA ASP A 135 -12.22 14.79 4.87
C ASP A 135 -11.44 13.87 3.92
N LEU A 136 -11.99 13.68 2.72
CA LEU A 136 -11.40 12.75 1.77
C LEU A 136 -10.09 13.30 1.25
N ILE A 137 -10.08 14.59 0.91
CA ILE A 137 -8.84 15.20 0.41
C ILE A 137 -7.78 15.21 1.52
N GLY A 138 -8.20 15.47 2.76
CA GLY A 138 -7.30 15.39 3.89
C GLY A 138 -6.64 14.03 4.03
N PHE A 139 -7.41 12.96 3.87
CA PHE A 139 -6.81 11.62 3.90
C PHE A 139 -5.79 11.47 2.77
N GLY A 140 -6.14 11.96 1.59
CA GLY A 140 -5.21 11.91 0.44
C GLY A 140 -3.92 12.67 0.71
N LEU A 141 -4.03 13.80 1.41
CA LEU A 141 -2.85 14.58 1.76
C LEU A 141 -1.93 13.81 2.71
N GLN A 142 -2.53 13.12 3.68
CA GLN A 142 -1.76 12.31 4.61
C GLN A 142 -1.00 11.22 3.81
N VAL A 143 -1.68 10.59 2.85
CA VAL A 143 -1.04 9.53 2.07
C VAL A 143 0.13 10.13 1.26
N ALA A 144 -0.10 11.30 0.67
CA ALA A 144 0.95 11.96 -0.11
C ALA A 144 2.17 12.25 0.75
N LYS A 145 1.94 12.67 2.00
CA LYS A 145 3.03 12.93 2.94
C LYS A 145 3.83 11.68 3.25
N GLY A 146 3.13 10.56 3.48
CA GLY A 146 3.82 9.29 3.75
C GLY A 146 4.63 8.86 2.55
N MET A 147 4.04 9.02 1.36
CA MET A 147 4.76 8.71 0.11
C MET A 147 5.92 9.67 -0.15
N LYS A 148 5.77 10.93 0.25
CA LYS A 148 6.85 11.91 0.11
C LYS A 148 8.05 11.42 0.94
N PHE A 149 7.75 10.90 2.15
CA PHE A 149 8.81 10.32 2.98
C PHE A 149 9.47 9.12 2.31
N LEU A 150 8.67 8.15 1.86
CA LEU A 150 9.26 6.98 1.20
C LEU A 150 10.09 7.40 -0.02
N ALA A 151 9.58 8.34 -0.81
CA ALA A 151 10.33 8.79 -1.99
C ALA A 151 11.69 9.42 -1.59
N SER A 152 11.71 10.13 -0.46
CA SER A 152 12.93 10.78 0.02
C SER A 152 14.00 9.77 0.39
N LYS A 153 13.56 8.55 0.67
CA LYS A 153 14.44 7.43 1.02
C LYS A 153 14.70 6.55 -0.19
N LYS A 154 14.18 6.97 -1.35
CA LYS A 154 14.34 6.25 -2.61
C LYS A 154 13.75 4.85 -2.49
N PHE A 155 12.64 4.75 -1.76
CA PHE A 155 12.01 3.48 -1.46
C PHE A 155 10.69 3.36 -2.24
N VAL A 156 10.65 2.38 -3.14
CA VAL A 156 9.50 2.17 -4.03
C VAL A 156 8.45 1.33 -3.31
N HIS A 157 7.20 1.80 -3.32
CA HIS A 157 6.13 1.08 -2.64
C HIS A 157 5.74 -0.23 -3.37
N ARG A 158 5.37 -0.07 -4.64
CA ARG A 158 4.95 -1.16 -5.55
C ARG A 158 3.50 -1.62 -5.42
N ASP A 159 2.86 -1.38 -4.27
CA ASP A 159 1.48 -1.85 -4.06
C ASP A 159 0.63 -0.78 -3.35
N LEU A 160 0.77 0.47 -3.80
CA LEU A 160 -0.02 1.55 -3.19
C LEU A 160 -1.46 1.50 -3.73
N ALA A 161 -2.39 1.64 -2.80
CA ALA A 161 -3.83 1.56 -3.03
C ALA A 161 -4.48 1.95 -1.72
N ALA A 162 -5.78 2.31 -1.76
CA ALA A 162 -6.44 2.73 -0.53
C ALA A 162 -6.45 1.63 0.52
N ARG A 163 -6.56 0.37 0.07
CA ARG A 163 -6.51 -0.77 1.02
C ARG A 163 -5.22 -0.80 1.84
N ASN A 164 -4.14 -0.22 1.31
CA ASN A 164 -2.86 -0.23 2.01
C ASN A 164 -2.50 1.06 2.71
N CYS A 165 -3.52 1.85 3.00
CA CYS A 165 -3.41 2.98 3.90
C CYS A 165 -4.26 2.67 5.13
N MET A 166 -3.62 2.57 6.28
CA MET A 166 -4.28 2.09 7.48
C MET A 166 -4.52 3.25 8.42
N LEU A 167 -5.54 3.11 9.26
CA LEU A 167 -5.85 4.14 10.24
C LEU A 167 -5.63 3.64 11.66
N ASP A 168 -4.87 4.40 12.43
CA ASP A 168 -4.59 4.04 13.82
C ASP A 168 -5.65 4.62 14.76
N GLU A 169 -5.38 4.56 16.06
CA GLU A 169 -6.37 4.95 17.07
C GLU A 169 -6.70 6.44 17.01
N LYS A 170 -5.78 7.24 16.45
CA LYS A 170 -5.99 8.70 16.32
C LYS A 170 -6.57 9.07 14.97
N PHE A 171 -6.87 8.06 14.17
CA PHE A 171 -7.32 8.24 12.78
C PHE A 171 -6.24 8.84 11.88
N THR A 172 -4.98 8.70 12.28
CA THR A 172 -3.88 9.07 11.42
C THR A 172 -3.70 7.97 10.37
N VAL A 173 -3.55 8.40 9.11
CA VAL A 173 -3.32 7.47 8.00
C VAL A 173 -1.86 7.07 7.92
N LYS A 174 -1.65 5.75 7.83
CA LYS A 174 -0.32 5.14 7.76
C LYS A 174 -0.21 4.34 6.48
N VAL A 175 0.70 4.74 5.60
CA VAL A 175 0.97 3.97 4.38
C VAL A 175 1.67 2.67 4.77
N ALA A 176 1.16 1.55 4.26
CA ALA A 176 1.51 0.21 4.71
C ALA A 176 1.93 -0.64 3.52
N ASP A 177 2.61 -1.74 3.80
CA ASP A 177 2.93 -2.76 2.78
C ASP A 177 3.91 -2.31 1.72
N PHE A 178 4.62 -1.23 2.00
CA PHE A 178 5.65 -0.73 1.09
C PHE A 178 6.77 -1.76 0.89
N GLY A 179 7.09 -2.00 -0.38
CA GLY A 179 8.16 -2.93 -0.77
C GLY A 179 7.84 -4.41 -0.76
N LEU A 180 6.84 -4.80 0.02
CA LEU A 180 6.65 -6.21 0.38
C LEU A 180 6.06 -7.05 -0.74
N ALA A 181 5.50 -6.40 -1.79
CA ALA A 181 4.88 -7.13 -2.90
C ALA A 181 5.92 -7.61 -3.93
N ARG A 182 7.18 -7.22 -3.74
CA ARG A 182 8.21 -7.45 -4.74
C ARG A 182 8.32 -8.91 -5.25
N ASP A 183 8.46 -9.86 -4.33
CA ASP A 183 8.67 -11.26 -4.75
C ASP A 183 7.43 -11.86 -5.38
N MET A 184 6.26 -11.51 -4.85
CA MET A 184 5.01 -11.95 -5.44
C MET A 184 4.90 -11.48 -6.89
N TYR A 185 5.22 -10.22 -7.14
CA TYR A 185 5.19 -9.66 -8.49
C TYR A 185 6.17 -10.40 -9.41
N ASP A 186 7.40 -10.58 -8.92
CA ASP A 186 8.46 -11.27 -9.67
C ASP A 186 7.96 -12.64 -10.13
N LYS A 187 7.36 -13.38 -9.20
CA LYS A 187 6.89 -14.72 -9.48
C LYS A 187 5.68 -14.78 -10.39
N GLU A 188 4.76 -13.83 -10.22
CA GLU A 188 3.48 -13.85 -10.95
C GLU A 188 3.62 -13.32 -12.36
N PHE A 189 4.57 -12.41 -12.56
CA PHE A 189 4.88 -11.94 -13.89
C PHE A 189 5.46 -13.08 -14.73
N ASP A 190 6.26 -13.93 -14.09
CA ASP A 190 6.95 -15.02 -14.77
C ASP A 190 6.37 -16.39 -14.40
N SER A 191 5.05 -16.49 -14.38
CA SER A 191 4.36 -17.75 -14.07
C SER A 191 3.42 -18.13 -15.19
N VAL A 192 3.53 -19.38 -15.65
CA VAL A 192 2.68 -19.92 -16.72
C VAL A 192 1.20 -19.97 -16.30
N HIS A 193 0.96 -19.88 -14.98
CA HIS A 193 -0.38 -19.86 -14.39
C HIS A 193 -0.99 -18.45 -14.29
N ASN A 194 -0.19 -17.43 -14.60
CA ASN A 194 -0.66 -16.04 -14.55
C ASN A 194 -0.33 -15.24 -15.83
N LYS A 195 -0.39 -15.92 -16.98
CA LYS A 195 -0.15 -15.26 -18.27
C LYS A 195 -1.17 -14.15 -18.56
N THR A 196 -2.37 -14.31 -18.01
CA THR A 196 -3.45 -13.33 -18.09
C THR A 196 -3.19 -12.11 -17.18
N GLY A 197 -2.52 -12.34 -16.06
CA GLY A 197 -2.15 -11.27 -15.13
C GLY A 197 -3.20 -10.97 -14.08
N ALA A 198 -4.24 -11.80 -14.03
CA ALA A 198 -5.40 -11.61 -13.15
C ALA A 198 -5.08 -11.74 -11.67
N LYS A 199 -3.93 -12.33 -11.34
CA LYS A 199 -3.51 -12.50 -9.95
C LYS A 199 -2.82 -11.25 -9.38
N LEU A 200 -2.53 -10.29 -10.26
CA LEU A 200 -1.84 -9.05 -9.88
C LEU A 200 -2.80 -7.86 -9.80
N PRO A 201 -2.49 -6.86 -8.93
CA PRO A 201 -3.31 -5.62 -8.84
C PRO A 201 -3.06 -4.64 -10.00
N VAL A 202 -3.36 -5.11 -11.20
CA VAL A 202 -3.07 -4.36 -12.43
C VAL A 202 -3.80 -3.01 -12.50
N LYS A 203 -4.94 -2.89 -11.81
CA LYS A 203 -5.72 -1.64 -11.87
C LYS A 203 -4.98 -0.45 -11.26
N TRP A 204 -3.96 -0.70 -10.43
CA TRP A 204 -3.17 0.39 -9.81
C TRP A 204 -1.80 0.57 -10.48
N MET A 205 -1.51 -0.28 -11.47
CA MET A 205 -0.16 -0.25 -12.05
C MET A 205 -0.01 0.75 -13.18
N ALA A 206 1.14 1.44 -13.22
CA ALA A 206 1.44 2.33 -14.33
C ALA A 206 1.58 1.55 -15.61
N LEU A 207 1.26 2.20 -16.72
CA LEU A 207 1.38 1.61 -18.04
C LEU A 207 2.73 0.94 -18.24
N GLU A 208 3.80 1.69 -17.92
CA GLU A 208 5.14 1.18 -18.17
C GLU A 208 5.50 0.01 -17.26
N SER A 209 4.86 -0.09 -16.09
CA SER A 209 5.09 -1.22 -15.20
C SER A 209 4.44 -2.50 -15.73
N LEU A 210 3.25 -2.33 -16.28
CA LEU A 210 2.59 -3.43 -16.98
C LEU A 210 3.42 -3.93 -18.18
N GLN A 211 4.04 -3.00 -18.89
CA GLN A 211 4.80 -3.31 -20.09
C GLN A 211 6.18 -3.88 -19.77
N THR A 212 6.86 -3.31 -18.77
CA THR A 212 8.28 -3.63 -18.49
C THR A 212 8.52 -4.44 -17.22
N GLN A 213 7.51 -4.52 -16.36
CA GLN A 213 7.61 -5.22 -15.06
C GLN A 213 8.51 -4.51 -14.06
N LYS A 214 8.88 -3.27 -14.37
CA LYS A 214 9.70 -2.42 -13.50
C LYS A 214 8.85 -1.38 -12.76
N PHE A 215 9.24 -1.14 -11.51
CA PHE A 215 8.53 -0.25 -10.62
C PHE A 215 9.46 0.82 -10.08
N THR A 216 8.95 2.06 -10.01
CA THR A 216 9.73 3.22 -9.65
C THR A 216 8.84 4.13 -8.80
N THR A 217 9.43 5.17 -8.21
CA THR A 217 8.61 6.16 -7.50
C THR A 217 7.59 6.78 -8.46
N LYS A 218 7.96 6.99 -9.72
CA LYS A 218 6.99 7.52 -10.70
C LYS A 218 5.83 6.56 -10.97
N SER A 219 6.08 5.24 -10.88
CA SER A 219 4.97 4.34 -11.02
C SER A 219 4.08 4.37 -9.76
N ASP A 220 4.68 4.58 -8.57
CA ASP A 220 3.90 4.83 -7.35
C ASP A 220 3.02 6.08 -7.49
N VAL A 221 3.50 7.10 -8.20
CA VAL A 221 2.69 8.29 -8.44
C VAL A 221 1.43 7.90 -9.23
N TRP A 222 1.57 7.03 -10.25
CA TRP A 222 0.38 6.58 -10.99
C TRP A 222 -0.59 5.90 -10.02
N SER A 223 -0.06 5.00 -9.17
CA SER A 223 -0.92 4.30 -8.20
C SER A 223 -1.62 5.30 -7.30
N PHE A 224 -0.90 6.36 -6.91
CA PHE A 224 -1.47 7.37 -6.03
C PHE A 224 -2.62 8.09 -6.70
N GLY A 225 -2.52 8.30 -8.01
CA GLY A 225 -3.66 8.88 -8.76
C GLY A 225 -4.89 7.99 -8.67
N VAL A 226 -4.69 6.68 -8.85
CA VAL A 226 -5.83 5.76 -8.70
C VAL A 226 -6.36 5.78 -7.28
N LEU A 227 -5.46 5.85 -6.30
CA LEU A 227 -5.85 5.98 -4.89
C LEU A 227 -6.72 7.23 -4.64
N LEU A 228 -6.35 8.38 -5.25
CA LEU A 228 -7.21 9.56 -5.13
C LEU A 228 -8.61 9.34 -5.71
N TRP A 229 -8.67 8.61 -6.81
CA TRP A 229 -9.97 8.24 -7.42
C TRP A 229 -10.77 7.37 -6.46
N GLU A 230 -10.10 6.42 -5.81
CA GLU A 230 -10.76 5.61 -4.81
C GLU A 230 -11.28 6.49 -3.69
N LEU A 231 -10.49 7.47 -3.26
CA LEU A 231 -10.94 8.34 -2.18
C LEU A 231 -12.21 9.08 -2.55
N MET A 232 -12.20 9.69 -3.74
CA MET A 232 -13.28 10.59 -4.08
C MET A 232 -14.56 9.86 -4.49
N THR A 233 -14.45 8.55 -4.78
CA THR A 233 -15.64 7.73 -5.05
C THR A 233 -16.08 6.96 -3.79
N ARG A 234 -15.42 7.22 -2.66
CA ARG A 234 -15.64 6.47 -1.42
C ARG A 234 -15.47 4.97 -1.63
N GLY A 235 -14.39 4.62 -2.32
CA GLY A 235 -13.96 3.23 -2.36
C GLY A 235 -14.55 2.38 -3.46
N ALA A 236 -14.95 3.00 -4.56
CA ALA A 236 -15.42 2.21 -5.71
C ALA A 236 -14.25 1.42 -6.32
N PRO A 237 -14.52 0.22 -6.88
CA PRO A 237 -13.47 -0.50 -7.60
C PRO A 237 -13.08 0.17 -8.92
N PRO A 238 -11.80 0.46 -9.16
CA PRO A 238 -11.46 1.08 -10.44
C PRO A 238 -11.68 0.13 -11.62
N TYR A 239 -12.09 0.66 -12.78
CA TYR A 239 -12.23 -0.12 -14.02
C TYR A 239 -12.94 -1.49 -13.84
N PRO A 240 -14.21 -1.50 -13.40
CA PRO A 240 -14.88 -2.83 -13.29
C PRO A 240 -14.83 -3.65 -14.60
N ASP A 241 -14.56 -4.95 -14.46
CA ASP A 241 -14.42 -5.92 -15.58
C ASP A 241 -13.16 -5.75 -16.43
N VAL A 242 -12.19 -5.00 -15.91
CA VAL A 242 -10.86 -4.95 -16.52
C VAL A 242 -9.87 -5.34 -15.43
N ASN A 243 -9.44 -6.60 -15.44
CA ASN A 243 -8.62 -7.16 -14.37
C ASN A 243 -7.43 -7.98 -14.89
N THR A 244 -7.08 -7.77 -16.16
CA THR A 244 -5.99 -8.51 -16.79
C THR A 244 -4.98 -7.57 -17.40
N PHE A 245 -3.87 -8.12 -17.91
CA PHE A 245 -2.84 -7.32 -18.57
C PHE A 245 -3.41 -6.46 -19.70
N ASP A 246 -4.55 -6.88 -20.25
CA ASP A 246 -5.25 -6.13 -21.30
C ASP A 246 -5.82 -4.77 -20.87
N ILE A 247 -5.70 -4.46 -19.57
CA ILE A 247 -5.89 -3.07 -19.14
C ILE A 247 -4.97 -2.15 -19.92
N THR A 248 -3.86 -2.72 -20.41
CA THR A 248 -2.93 -1.94 -21.21
C THR A 248 -3.62 -1.52 -22.52
N VAL A 249 -4.36 -2.46 -23.12
CA VAL A 249 -5.11 -2.19 -24.35
C VAL A 249 -6.16 -1.08 -24.12
N TYR A 250 -6.87 -1.19 -23.00
CA TYR A 250 -7.86 -0.21 -22.55
C TYR A 250 -7.22 1.17 -22.40
N LEU A 251 -6.12 1.21 -21.64
CA LEU A 251 -5.43 2.48 -21.43
C LEU A 251 -4.96 3.10 -22.74
N LEU A 252 -4.35 2.28 -23.60
CA LEU A 252 -3.77 2.75 -24.87
C LEU A 252 -4.77 3.14 -25.95
N GLN A 253 -6.05 2.90 -25.70
CA GLN A 253 -7.11 3.43 -26.55
C GLN A 253 -7.35 4.93 -26.29
N GLY A 254 -6.73 5.47 -25.23
CA GLY A 254 -6.87 6.88 -24.89
C GLY A 254 -7.81 7.11 -23.74
N ARG A 255 -7.76 6.22 -22.77
CA ARG A 255 -8.71 6.22 -21.67
C ARG A 255 -8.09 6.45 -20.30
N ARG A 256 -8.84 7.12 -19.44
CA ARG A 256 -8.53 7.22 -18.02
C ARG A 256 -9.78 7.08 -17.18
N LEU A 257 -9.61 6.82 -15.88
CA LEU A 257 -10.75 6.85 -14.95
C LEU A 257 -11.53 8.18 -15.04
N LEU A 258 -12.85 8.08 -15.01
CA LEU A 258 -13.73 9.27 -15.08
C LEU A 258 -13.66 10.12 -13.83
N GLN A 259 -14.00 11.40 -13.97
CA GLN A 259 -14.00 12.28 -12.79
C GLN A 259 -15.14 11.96 -11.84
N PRO A 260 -14.85 11.55 -10.59
CA PRO A 260 -15.96 11.35 -9.66
C PRO A 260 -16.76 12.62 -9.42
N GLU A 261 -18.07 12.48 -9.20
CA GLU A 261 -18.94 13.62 -9.01
C GLU A 261 -18.38 14.65 -8.03
N TYR A 262 -17.87 14.19 -6.89
CA TYR A 262 -17.43 15.09 -5.82
C TYR A 262 -15.94 15.41 -5.88
N CYS A 263 -15.27 14.99 -6.94
CA CYS A 263 -13.86 15.29 -7.08
C CYS A 263 -13.72 16.71 -7.65
N PRO A 264 -13.11 17.65 -6.89
CA PRO A 264 -12.90 19.00 -7.40
C PRO A 264 -12.11 19.00 -8.72
N ASP A 265 -12.44 19.91 -9.64
CA ASP A 265 -11.68 19.98 -10.91
C ASP A 265 -10.15 20.01 -10.73
N PRO A 266 -9.61 20.88 -9.84
CA PRO A 266 -8.14 20.85 -9.73
C PRO A 266 -7.56 19.53 -9.24
N LEU A 267 -8.37 18.76 -8.48
CA LEU A 267 -7.89 17.46 -8.01
C LEU A 267 -7.93 16.44 -9.17
N TYR A 268 -8.97 16.52 -10.00
CA TYR A 268 -8.97 15.66 -11.19
C TYR A 268 -7.80 16.01 -12.11
N GLU A 269 -7.49 17.30 -12.24
CA GLU A 269 -6.28 17.70 -13.00
C GLU A 269 -5.02 17.03 -12.43
N VAL A 270 -4.93 17.01 -11.10
CA VAL A 270 -3.80 16.34 -10.43
C VAL A 270 -3.77 14.87 -10.78
N MET A 271 -4.92 14.20 -10.71
CA MET A 271 -5.00 12.78 -11.08
C MET A 271 -4.54 12.54 -12.51
N LEU A 272 -4.96 13.39 -13.46
CA LEU A 272 -4.53 13.22 -14.85
C LEU A 272 -3.02 13.41 -14.98
N LYS A 273 -2.45 14.32 -14.19
CA LYS A 273 -0.98 14.46 -14.12
C LYS A 273 -0.30 13.20 -13.61
N CYS A 274 -0.90 12.56 -12.60
CA CYS A 274 -0.32 11.34 -12.05
C CYS A 274 -0.31 10.22 -13.06
N TRP A 275 -1.24 10.28 -14.02
CA TRP A 275 -1.31 9.24 -15.05
C TRP A 275 -0.68 9.71 -16.36
N HIS A 276 0.24 10.68 -16.29
CA HIS A 276 0.92 11.15 -17.50
C HIS A 276 1.55 9.95 -18.20
N PRO A 277 1.42 9.88 -19.54
CA PRO A 277 2.06 8.80 -20.30
C PRO A 277 3.57 8.71 -20.10
N LYS A 278 4.23 9.84 -19.88
CA LYS A 278 5.67 9.85 -19.63
C LYS A 278 5.92 9.90 -18.13
N ALA A 279 6.52 8.85 -17.60
CA ALA A 279 6.76 8.75 -16.16
C ALA A 279 7.46 10.00 -15.63
N GLU A 280 8.47 10.47 -16.37
CA GLU A 280 9.26 11.59 -15.90
C GLU A 280 8.47 12.91 -15.83
N MET A 281 7.31 12.97 -16.47
CA MET A 281 6.48 14.18 -16.48
C MET A 281 5.43 14.17 -15.35
N ARG A 282 5.38 13.09 -14.59
CA ARG A 282 4.44 12.99 -13.46
C ARG A 282 4.98 13.81 -12.29
N PRO A 283 4.07 14.41 -11.51
CA PRO A 283 4.55 15.15 -10.34
C PRO A 283 5.25 14.26 -9.33
N SER A 284 6.25 14.82 -8.67
CA SER A 284 6.82 14.18 -7.50
C SER A 284 5.81 14.19 -6.35
N PHE A 285 6.06 13.34 -5.36
CA PHE A 285 5.25 13.40 -4.14
C PHE A 285 5.38 14.72 -3.39
N SER A 286 6.58 15.32 -3.46
CA SER A 286 6.76 16.66 -2.89
C SER A 286 5.80 17.67 -3.53
N GLU A 287 5.72 17.65 -4.86
CA GLU A 287 4.81 18.52 -5.57
C GLU A 287 3.34 18.22 -5.22
N LEU A 288 3.02 16.92 -5.16
CA LEU A 288 1.68 16.49 -4.80
C LEU A 288 1.27 16.98 -3.41
N VAL A 289 2.17 16.90 -2.44
CA VAL A 289 1.84 17.40 -1.11
C VAL A 289 1.52 18.91 -1.18
N SER A 290 2.36 19.64 -1.92
CA SER A 290 2.16 21.10 -2.06
C SER A 290 0.79 21.39 -2.67
N ARG A 291 0.53 20.78 -3.83
CA ARG A 291 -0.70 21.08 -4.59
C ARG A 291 -1.93 20.63 -3.82
N ILE A 292 -1.89 19.43 -3.24
CA ILE A 292 -3.06 18.95 -2.53
C ILE A 292 -3.29 19.75 -1.24
N SER A 293 -2.22 20.22 -0.60
CA SER A 293 -2.41 21.06 0.59
C SER A 293 -3.20 22.32 0.24
N ALA A 294 -2.91 22.88 -0.94
CA ALA A 294 -3.63 24.08 -1.41
C ALA A 294 -5.10 23.77 -1.67
N ILE A 295 -5.37 22.70 -2.44
CA ILE A 295 -6.78 22.35 -2.71
C ILE A 295 -7.53 22.07 -1.39
N PHE A 296 -6.91 21.28 -0.52
CA PHE A 296 -7.51 20.98 0.79
C PHE A 296 -7.92 22.25 1.55
N SER A 297 -7.06 23.28 1.51
CA SER A 297 -7.29 24.48 2.32
C SER A 297 -8.52 25.26 1.90
N THR A 298 -9.04 24.99 0.70
CA THR A 298 -10.18 25.79 0.19
C THR A 298 -11.51 25.27 0.71
N PHE A 299 -11.50 24.07 1.30
CA PHE A 299 -12.73 23.41 1.79
C PHE A 299 -12.91 23.60 3.28
N ILE A 300 -14.18 23.66 3.69
CA ILE A 300 -14.51 23.93 5.08
C ILE A 300 -15.33 22.79 5.72
N GLY A 301 -15.57 21.72 4.98
CA GLY A 301 -16.20 20.53 5.57
C GLY A 301 -17.70 20.61 5.58
N GLU A 302 -18.24 21.22 4.53
CA GLU A 302 -19.69 21.37 4.36
C GLU A 302 -20.28 20.57 3.19
N HIS A 303 -19.41 20.07 2.30
CA HIS A 303 -19.85 19.31 1.13
C HIS A 303 -19.75 17.81 1.41
N TYR A 304 -20.88 17.21 1.80
CA TYR A 304 -20.90 15.75 2.08
C TYR A 304 -20.88 14.97 0.79
N VAL A 305 -20.07 13.92 0.76
CA VAL A 305 -19.91 13.12 -0.44
C VAL A 305 -20.88 11.96 -0.37
N HIS A 306 -21.84 11.98 -1.28
CA HIS A 306 -22.92 10.99 -1.32
C HIS A 306 -22.69 10.03 -2.45
N VAL A 307 -22.71 8.75 -2.11
CA VAL A 307 -22.49 7.70 -3.08
C VAL A 307 -23.54 6.62 -2.85
N ASN A 308 -23.63 5.71 -3.81
CA ASN A 308 -24.54 4.59 -3.69
C ASN A 308 -23.82 3.34 -4.17
N ALA A 309 -24.15 2.21 -3.55
CA ALA A 309 -23.51 0.97 -3.89
C ALA A 309 -23.68 0.54 -5.34
N THR A 310 -24.77 0.95 -5.98
CA THR A 310 -25.18 0.34 -7.24
C THR A 310 -24.48 0.90 -8.48
N TYR A 311 -23.81 2.04 -8.33
CA TYR A 311 -23.09 2.62 -9.46
C TYR A 311 -22.15 3.71 -8.96
N VAL A 312 -21.23 4.15 -9.82
CA VAL A 312 -20.33 5.25 -9.49
C VAL A 312 -20.86 6.52 -10.12
N ASN A 313 -21.15 7.50 -9.26
CA ASN A 313 -21.60 8.82 -9.71
C ASN A 313 -20.42 9.66 -10.17
N VAL A 314 -20.46 10.08 -11.44
CA VAL A 314 -19.37 10.85 -12.03
C VAL A 314 -19.79 12.28 -12.34
N LYS A 315 -18.83 13.14 -12.70
CA LYS A 315 -19.20 14.52 -12.98
C LYS A 315 -20.10 14.63 -14.21
N GLU A 316 -21.25 15.27 -14.04
CA GLU A 316 -22.25 15.44 -15.12
C GLU A 316 -22.77 16.86 -15.31
N GLY A 317 -22.90 17.61 -14.22
CA GLY A 317 -23.37 19.00 -14.29
C GLY A 317 -22.28 19.95 -13.87
MG MG B . -2.08 -4.82 2.54
CL CL C . -16.06 20.08 2.19
PG ATP D . -2.56 -6.23 -0.40
O1G ATP D . -2.24 -7.71 -0.57
O2G ATP D . -1.81 -5.53 0.70
O3G ATP D . -2.53 -5.50 -1.74
PB ATP D . -4.72 -6.19 1.54
O1B ATP D . -4.11 -5.04 2.27
O2B ATP D . -6.22 -6.29 1.47
O3B ATP D . -4.12 -6.21 0.04
PA ATP D . -3.15 -7.78 3.41
O1A ATP D . -2.17 -6.62 3.46
O2A ATP D . -2.58 -9.16 3.22
O3A ATP D . -4.17 -7.58 2.18
O5' ATP D . -3.99 -7.64 4.74
C5' ATP D . -5.07 -8.56 5.03
C4' ATP D . -6.00 -7.99 6.09
O4' ATP D . -5.26 -7.59 7.24
C3' ATP D . -6.68 -6.72 5.58
O3' ATP D . -8.01 -6.69 6.14
C2' ATP D . -5.84 -5.61 6.16
O2' ATP D . -6.51 -4.36 6.30
C1' ATP D . -5.48 -6.20 7.51
N9 ATP D . -4.26 -5.61 8.06
C8 ATP D . -3.04 -5.52 7.48
N7 ATP D . -2.18 -4.91 8.33
C5 ATP D . -2.82 -4.60 9.46
C6 ATP D . -2.49 -3.94 10.73
N6 ATP D . -1.23 -3.46 10.98
N1 ATP D . -3.50 -3.81 11.65
C2 ATP D . -4.75 -4.28 11.43
N3 ATP D . -5.12 -4.89 10.29
C4 ATP D . -4.20 -5.08 9.29
#